data_8C4N
#
_entry.id   8C4N
#
_cell.length_a   41.610
_cell.length_b   64.720
_cell.length_c   129.920
_cell.angle_alpha   90.000
_cell.angle_beta   90.000
_cell.angle_gamma   90.000
#
_symmetry.space_group_name_H-M   'P 21 21 21'
#
loop_
_entity.id
_entity.type
_entity.pdbx_description
1 polymer 'Diadenylate cyclase'
2 non-polymer 'ADENOSINE MONOPHOSPHATE'
3 non-polymer 'SODIUM ION'
4 non-polymer 'CHLORIDE ION'
5 water water
#
_entity_poly.entity_id   1
_entity_poly.type   'polypeptide(L)'
_entity_poly.pdbx_seq_one_letter_code
;GPLGSYGSRIEREQHHLIESIEKSTQYMAKRRIGALISVARDTGMDDYIETGIPLNAKISSQLLINIFIPNTPLHDGAVI
IKGNEIASAASYLPLSDSPFLSKELGTRHRAALGISEVTDSITIVVSEETGGISLTKGGELFRDVSEEELHKILLKELVT
VTAKKPSIFSKWKGGKSE
;
_entity_poly.pdbx_strand_id   A,B
#
# COMPACT_ATOMS: atom_id res chain seq x y z
N ARG A 9 -15.81 -11.48 14.22
CA ARG A 9 -16.01 -10.92 15.54
C ARG A 9 -15.21 -9.64 15.73
N ILE A 10 -15.77 -8.68 16.46
CA ILE A 10 -15.07 -7.42 16.66
C ILE A 10 -13.85 -7.63 17.57
N GLU A 11 -13.91 -8.61 18.49
CA GLU A 11 -12.75 -8.85 19.34
C GLU A 11 -11.58 -9.41 18.55
N ARG A 12 -11.84 -10.22 17.52
CA ARG A 12 -10.74 -10.73 16.70
C ARG A 12 -10.08 -9.61 15.90
N GLU A 13 -10.86 -8.66 15.37
CA GLU A 13 -10.27 -7.50 14.72
C GLU A 13 -9.45 -6.66 15.70
N GLN A 14 -9.95 -6.47 16.94
CA GLN A 14 -9.22 -5.65 17.89
C GLN A 14 -7.89 -6.30 18.31
N HIS A 15 -7.88 -7.62 18.51
CA HIS A 15 -6.60 -8.25 18.82
C HIS A 15 -5.67 -8.23 17.62
N HIS A 16 -6.22 -8.35 16.40
CA HIS A 16 -5.38 -8.26 15.22
C HIS A 16 -4.77 -6.87 15.11
N LEU A 17 -5.55 -5.84 15.44
CA LEU A 17 -5.03 -4.49 15.40
C LEU A 17 -3.88 -4.31 16.39
N ILE A 18 -4.08 -4.75 17.64
CA ILE A 18 -3.02 -4.64 18.64
C ILE A 18 -1.77 -5.34 18.14
N GLU A 19 -1.93 -6.57 17.65
N GLU A 19 -1.92 -6.58 17.66
CA GLU A 19 -0.81 -7.34 17.14
CA GLU A 19 -0.78 -7.32 17.14
C GLU A 19 -0.14 -6.63 15.96
C GLU A 19 -0.13 -6.60 15.97
N SER A 20 -0.94 -6.02 15.08
CA SER A 20 -0.36 -5.30 13.94
C SER A 20 0.47 -4.09 14.40
N ILE A 21 0.01 -3.36 15.41
CA ILE A 21 0.79 -2.24 15.92
C ILE A 21 2.06 -2.74 16.60
N GLU A 22 1.95 -3.83 17.37
CA GLU A 22 3.13 -4.34 18.08
C GLU A 22 4.23 -4.77 17.10
N LYS A 23 3.89 -5.61 16.12
CA LYS A 23 4.91 -6.07 15.17
C LYS A 23 5.47 -4.94 14.30
N SER A 24 4.60 -4.08 13.75
CA SER A 24 5.12 -3.00 12.93
C SER A 24 6.03 -2.07 13.73
N THR A 25 5.61 -1.68 14.96
CA THR A 25 6.46 -0.75 15.70
C THR A 25 7.77 -1.40 16.12
N GLN A 26 7.74 -2.70 16.45
CA GLN A 26 9.00 -3.37 16.79
C GLN A 26 9.96 -3.36 15.60
N TYR A 27 9.43 -3.63 14.40
CA TYR A 27 10.26 -3.64 13.20
C TYR A 27 10.84 -2.26 12.94
N MET A 28 9.99 -1.20 13.02
CA MET A 28 10.49 0.15 12.78
C MET A 28 11.40 0.65 13.88
N ALA A 29 11.14 0.25 15.13
CA ALA A 29 12.01 0.69 16.22
C ALA A 29 13.42 0.15 16.06
N LYS A 30 13.52 -1.13 15.68
CA LYS A 30 14.81 -1.77 15.45
C LYS A 30 15.63 -1.04 14.39
N ARG A 31 14.97 -0.52 13.35
CA ARG A 31 15.65 0.18 12.27
C ARG A 31 15.51 1.70 12.35
N ARG A 32 15.00 2.22 13.47
CA ARG A 32 14.96 3.66 13.72
C ARG A 32 14.19 4.39 12.61
N ILE A 33 13.09 3.78 12.19
CA ILE A 33 12.19 4.38 11.22
C ILE A 33 11.11 5.13 11.99
N GLY A 34 11.03 6.44 11.77
CA GLY A 34 10.00 7.22 12.45
C GLY A 34 8.61 6.80 12.01
N ALA A 35 7.67 6.84 12.96
CA ALA A 35 6.30 6.41 12.68
C ALA A 35 5.33 7.15 13.57
N LEU A 36 4.08 7.23 13.10
CA LEU A 36 3.05 7.99 13.79
C LEU A 36 1.70 7.38 13.44
N ILE A 37 1.09 6.69 14.39
CA ILE A 37 -0.12 5.89 14.14
C ILE A 37 -1.18 6.34 15.15
N SER A 38 -2.29 6.91 14.64
CA SER A 38 -3.38 7.36 15.50
C SER A 38 -4.60 6.46 15.33
N VAL A 39 -5.08 5.89 16.43
CA VAL A 39 -6.22 4.98 16.40
C VAL A 39 -7.44 5.77 16.88
N ALA A 40 -8.41 5.96 16.00
CA ALA A 40 -9.63 6.67 16.37
C ALA A 40 -10.46 5.83 17.32
N ARG A 41 -11.26 6.51 18.14
CA ARG A 41 -12.15 5.81 19.06
C ARG A 41 -13.57 6.38 19.01
N ASP A 42 -14.16 6.63 20.18
CA ASP A 42 -15.49 7.24 20.21
C ASP A 42 -15.46 8.61 19.55
N THR A 43 -14.44 9.40 19.84
CA THR A 43 -14.27 10.71 19.20
C THR A 43 -13.83 10.55 17.74
N GLY A 44 -14.54 11.20 16.83
CA GLY A 44 -14.22 11.08 15.43
C GLY A 44 -12.97 11.85 15.04
N MET A 45 -12.24 11.30 14.08
CA MET A 45 -11.08 11.95 13.48
C MET A 45 -11.24 12.09 11.97
N ASP A 46 -12.49 12.18 11.49
CA ASP A 46 -12.75 12.22 10.06
C ASP A 46 -12.09 13.41 9.38
N ASP A 47 -12.12 14.59 10.01
CA ASP A 47 -11.47 15.77 9.42
C ASP A 47 -9.98 15.54 9.18
N TYR A 48 -9.31 14.82 10.07
CA TYR A 48 -7.89 14.56 9.86
C TYR A 48 -7.66 13.46 8.84
N ILE A 49 -8.60 12.52 8.70
CA ILE A 49 -8.47 11.49 7.67
C ILE A 49 -8.53 12.15 6.30
N GLU A 50 -9.34 13.20 6.18
CA GLU A 50 -9.49 13.88 4.91
C GLU A 50 -8.22 14.61 4.47
N THR A 51 -7.33 14.92 5.40
CA THR A 51 -6.09 15.61 5.06
C THR A 51 -5.05 14.71 4.44
N GLY A 52 -5.21 13.38 4.55
CA GLY A 52 -4.21 12.45 4.10
C GLY A 52 -4.58 11.78 2.80
N ILE A 53 -3.83 10.74 2.48
CA ILE A 53 -4.05 9.93 1.28
C ILE A 53 -4.96 8.76 1.66
N PRO A 54 -6.13 8.62 1.04
CA PRO A 54 -7.06 7.58 1.47
C PRO A 54 -6.57 6.20 1.05
N LEU A 55 -6.62 5.28 2.00
CA LEU A 55 -6.25 3.88 1.79
C LEU A 55 -7.43 2.95 2.00
N ASN A 56 -8.18 3.13 3.10
CA ASN A 56 -9.34 2.29 3.41
C ASN A 56 -8.96 0.82 3.30
N ALA A 57 -7.86 0.46 3.94
CA ALA A 57 -7.21 -0.82 3.69
C ALA A 57 -7.31 -1.70 4.92
N LYS A 58 -7.19 -2.99 4.69
CA LYS A 58 -7.14 -3.90 5.82
C LYS A 58 -5.90 -3.64 6.65
N ILE A 59 -6.06 -3.77 7.97
CA ILE A 59 -4.96 -3.61 8.92
C ILE A 59 -4.03 -4.82 8.83
N SER A 60 -2.72 -4.56 8.74
CA SER A 60 -1.70 -5.60 8.79
C SER A 60 -0.39 -4.93 9.19
N SER A 61 0.48 -5.69 9.85
CA SER A 61 1.78 -5.13 10.22
C SER A 61 2.59 -4.80 8.97
N GLN A 62 2.47 -5.65 7.94
CA GLN A 62 3.22 -5.44 6.70
C GLN A 62 2.85 -4.12 6.04
N LEU A 63 1.56 -3.80 5.94
CA LEU A 63 1.19 -2.53 5.33
C LEU A 63 1.65 -1.34 6.19
N LEU A 64 1.55 -1.44 7.51
CA LEU A 64 2.01 -0.31 8.34
C LEU A 64 3.50 -0.06 8.13
N ILE A 65 4.30 -1.12 8.07
CA ILE A 65 5.73 -0.97 7.83
C ILE A 65 5.99 -0.29 6.48
N ASN A 66 5.34 -0.79 5.41
CA ASN A 66 5.59 -0.25 4.08
C ASN A 66 5.21 1.22 3.98
N ILE A 67 4.21 1.66 4.74
CA ILE A 67 3.78 3.07 4.67
C ILE A 67 4.90 3.98 5.16
N PHE A 68 5.61 3.58 6.20
CA PHE A 68 6.52 4.49 6.88
C PHE A 68 7.95 4.39 6.39
N ILE A 69 8.24 3.54 5.40
CA ILE A 69 9.57 3.50 4.79
C ILE A 69 9.94 4.92 4.39
N PRO A 70 11.14 5.40 4.73
CA PRO A 70 11.44 6.82 4.52
C PRO A 70 11.54 7.19 3.05
N ASN A 71 11.25 8.46 2.77
CA ASN A 71 11.33 9.03 1.42
C ASN A 71 10.40 8.31 0.44
N THR A 72 9.22 7.95 0.92
CA THR A 72 8.21 7.34 0.07
C THR A 72 6.97 8.22 0.07
N PRO A 73 6.07 8.05 -0.91
CA PRO A 73 4.90 8.92 -0.98
C PRO A 73 4.01 8.91 0.25
N LEU A 74 3.91 7.78 0.98
CA LEU A 74 2.96 7.73 2.09
C LEU A 74 3.58 8.05 3.45
N HIS A 75 4.89 8.25 3.56
CA HIS A 75 5.52 8.28 4.88
C HIS A 75 5.41 9.62 5.61
N ASP A 76 5.06 10.72 4.93
CA ASP A 76 5.15 12.06 5.51
C ASP A 76 3.87 12.43 6.26
N GLY A 77 3.73 11.91 7.48
CA GLY A 77 2.63 12.28 8.34
C GLY A 77 2.10 11.09 9.10
N ALA A 78 0.85 11.18 9.54
CA ALA A 78 0.25 10.19 10.42
C ALA A 78 -0.60 9.18 9.65
N VAL A 79 -0.55 7.94 10.09
CA VAL A 79 -1.53 6.95 9.69
C VAL A 79 -2.71 7.07 10.66
N ILE A 80 -3.93 7.02 10.15
CA ILE A 80 -5.12 7.03 10.99
C ILE A 80 -5.88 5.73 10.79
N ILE A 81 -6.09 5.00 11.89
CA ILE A 81 -6.87 3.78 11.86
C ILE A 81 -8.27 4.10 12.37
N LYS A 82 -9.29 3.68 11.62
CA LYS A 82 -10.68 3.93 11.97
C LYS A 82 -11.45 2.64 11.79
N GLY A 83 -12.09 2.17 12.87
CA GLY A 83 -12.76 0.89 12.79
C GLY A 83 -11.75 -0.21 12.54
N ASN A 84 -12.00 -1.04 11.53
CA ASN A 84 -11.07 -2.09 11.16
C ASN A 84 -10.31 -1.76 9.89
N GLU A 85 -10.07 -0.47 9.61
CA GLU A 85 -9.35 -0.09 8.40
C GLU A 85 -8.21 0.85 8.74
N ILE A 86 -7.14 0.76 7.96
CA ILE A 86 -6.21 1.86 7.86
C ILE A 86 -6.89 2.87 6.94
N ALA A 87 -7.36 3.97 7.53
CA ALA A 87 -8.19 4.90 6.78
C ALA A 87 -7.34 5.74 5.84
N SER A 88 -6.23 6.27 6.34
CA SER A 88 -5.42 7.21 5.59
C SER A 88 -3.97 7.14 6.07
N ALA A 89 -3.08 7.62 5.23
CA ALA A 89 -1.67 7.83 5.54
C ALA A 89 -1.32 9.27 5.20
N ALA A 90 -0.18 9.74 5.71
CA ALA A 90 0.29 11.10 5.49
C ALA A 90 -0.76 12.16 5.86
N SER A 91 -1.50 11.92 6.94
CA SER A 91 -2.44 12.91 7.45
C SER A 91 -1.75 13.92 8.36
N TYR A 92 -2.29 15.13 8.40
CA TYR A 92 -1.91 16.15 9.39
C TYR A 92 -2.63 15.89 10.71
N LEU A 93 -1.90 16.04 11.82
CA LEU A 93 -2.52 16.11 13.12
C LEU A 93 -2.19 17.46 13.75
N PRO A 94 -3.06 17.98 14.61
CA PRO A 94 -2.77 19.27 15.25
C PRO A 94 -1.59 19.13 16.20
N LEU A 95 -0.71 20.14 16.19
CA LEU A 95 0.48 20.12 17.02
C LEU A 95 0.20 20.75 18.37
N SER A 96 0.70 20.11 19.43
CA SER A 96 0.65 20.73 20.74
C SER A 96 1.64 21.88 20.78
N ASP A 97 1.24 22.98 21.41
CA ASP A 97 2.18 24.04 21.75
C ASP A 97 2.55 23.99 23.22
N SER A 98 2.35 22.84 23.86
CA SER A 98 2.65 22.73 25.30
C SER A 98 4.15 22.90 25.51
N PRO A 99 4.57 23.76 26.45
CA PRO A 99 5.99 23.91 26.74
C PRO A 99 6.56 22.82 27.64
N PHE A 100 5.70 21.93 28.15
CA PHE A 100 6.13 20.79 28.96
C PHE A 100 6.73 19.66 28.14
N LEU A 101 6.44 19.59 26.84
CA LEU A 101 7.01 18.54 26.01
C LEU A 101 8.50 18.78 25.80
N SER A 102 9.30 17.77 26.09
CA SER A 102 10.74 17.88 25.95
C SER A 102 11.13 18.30 24.53
N LYS A 103 12.10 19.22 24.45
CA LYS A 103 12.60 19.70 23.16
C LYS A 103 13.51 18.69 22.47
N GLU A 104 13.90 17.61 23.16
CA GLU A 104 14.65 16.56 22.49
C GLU A 104 13.75 15.63 21.68
N LEU A 105 12.44 15.72 21.84
CA LEU A 105 11.51 14.95 21.03
C LEU A 105 11.18 15.69 19.73
N GLY A 106 10.64 14.95 18.77
CA GLY A 106 10.45 15.45 17.43
C GLY A 106 9.01 15.89 17.16
N THR A 107 8.78 16.32 15.91
CA THR A 107 7.47 16.84 15.57
C THR A 107 6.40 15.76 15.66
N ARG A 108 6.77 14.50 15.41
CA ARG A 108 5.80 13.40 15.54
C ARG A 108 5.24 13.35 16.96
N HIS A 109 6.09 13.52 17.97
CA HIS A 109 5.60 13.52 19.35
C HIS A 109 4.68 14.71 19.58
N ARG A 110 5.03 15.87 19.03
CA ARG A 110 4.18 17.04 19.19
C ARG A 110 2.82 16.83 18.54
N ALA A 111 2.82 16.14 17.39
CA ALA A 111 1.56 15.84 16.72
C ALA A 111 0.76 14.81 17.50
N ALA A 112 1.41 13.75 17.98
CA ALA A 112 0.70 12.79 18.82
C ALA A 112 0.14 13.48 20.06
N LEU A 113 0.91 14.36 20.69
CA LEU A 113 0.39 15.06 21.86
C LEU A 113 -0.79 15.94 21.47
N GLY A 114 -0.69 16.63 20.34
CA GLY A 114 -1.74 17.55 19.92
C GLY A 114 -3.08 16.86 19.67
N ILE A 115 -3.05 15.74 18.93
CA ILE A 115 -4.31 15.03 18.68
C ILE A 115 -4.88 14.46 19.97
N SER A 116 -4.02 14.03 20.91
CA SER A 116 -4.52 13.46 22.15
C SER A 116 -5.17 14.53 23.02
N GLU A 117 -4.84 15.79 22.79
CA GLU A 117 -5.39 16.88 23.59
C GLU A 117 -6.82 17.23 23.19
N VAL A 118 -7.24 16.86 21.98
CA VAL A 118 -8.53 17.24 21.44
C VAL A 118 -9.36 16.05 20.99
N THR A 119 -8.82 14.84 21.06
CA THR A 119 -9.58 13.62 20.83
C THR A 119 -9.30 12.62 21.95
N ASP A 120 -10.10 11.56 21.97
CA ASP A 120 -9.88 10.41 22.83
C ASP A 120 -9.11 9.28 22.12
N SER A 121 -8.44 9.59 21.01
CA SER A 121 -7.69 8.58 20.27
C SER A 121 -6.47 8.11 21.06
N ILE A 122 -5.91 6.98 20.63
CA ILE A 122 -4.65 6.46 21.15
C ILE A 122 -3.63 6.58 20.03
N THR A 123 -2.51 7.26 20.28
CA THR A 123 -1.52 7.49 19.24
C THR A 123 -0.16 6.95 19.64
N ILE A 124 0.47 6.23 18.71
CA ILE A 124 1.73 5.55 18.92
C ILE A 124 2.78 6.25 18.05
N VAL A 125 3.93 6.57 18.64
CA VAL A 125 5.04 7.16 17.93
C VAL A 125 6.25 6.23 17.99
N VAL A 126 6.97 6.11 16.88
CA VAL A 126 8.32 5.55 16.87
C VAL A 126 9.27 6.69 16.54
N SER A 127 10.24 6.93 17.42
CA SER A 127 11.20 8.02 17.19
C SER A 127 12.25 7.58 16.18
N GLU A 128 12.48 8.41 15.17
CA GLU A 128 13.55 8.12 14.22
C GLU A 128 14.93 8.43 14.79
N GLU A 129 15.00 9.15 15.91
CA GLU A 129 16.28 9.44 16.53
C GLU A 129 16.73 8.28 17.41
N THR A 130 15.88 7.87 18.35
CA THR A 130 16.27 6.87 19.35
C THR A 130 15.68 5.48 19.11
N GLY A 131 14.65 5.37 18.29
CA GLY A 131 13.93 4.12 18.17
C GLY A 131 12.98 3.81 19.31
N GLY A 132 12.91 4.67 20.33
CA GLY A 132 11.96 4.44 21.40
C GLY A 132 10.53 4.56 20.93
N ILE A 133 9.64 3.83 21.60
CA ILE A 133 8.22 3.84 21.27
C ILE A 133 7.48 4.64 22.33
N SER A 134 6.65 5.59 21.89
CA SER A 134 5.88 6.41 22.83
C SER A 134 4.40 6.35 22.49
N LEU A 135 3.55 6.67 23.47
CA LEU A 135 2.11 6.67 23.29
C LEU A 135 1.55 7.96 23.85
N THR A 136 0.54 8.53 23.19
CA THR A 136 -0.17 9.65 23.78
C THR A 136 -1.64 9.31 23.96
N LYS A 137 -2.24 9.90 25.00
CA LYS A 137 -3.65 9.71 25.34
C LYS A 137 -4.07 10.81 26.31
N GLY A 138 -5.15 11.51 25.99
CA GLY A 138 -5.69 12.51 26.91
C GLY A 138 -4.72 13.60 27.30
N GLY A 139 -3.83 14.00 26.40
CA GLY A 139 -2.86 15.03 26.72
C GLY A 139 -1.67 14.55 27.51
N GLU A 140 -1.55 13.26 27.76
CA GLU A 140 -0.44 12.67 28.47
C GLU A 140 0.48 11.95 27.50
N LEU A 141 1.75 11.87 27.83
CA LEU A 141 2.74 11.15 27.04
C LEU A 141 3.35 10.02 27.86
N PHE A 142 3.28 8.80 27.34
CA PHE A 142 4.00 7.63 27.85
C PHE A 142 5.26 7.48 27.00
N ARG A 143 6.41 7.91 27.51
CA ARG A 143 7.63 7.97 26.72
C ARG A 143 8.46 6.68 26.83
N ASP A 144 8.98 6.24 25.69
CA ASP A 144 9.90 5.10 25.56
C ASP A 144 9.41 3.89 26.37
N VAL A 145 8.25 3.36 25.97
CA VAL A 145 7.63 2.26 26.71
C VAL A 145 8.21 0.92 26.27
N SER A 146 8.19 -0.05 27.18
CA SER A 146 8.65 -1.39 26.83
C SER A 146 7.59 -2.14 26.02
N GLU A 147 8.01 -3.27 25.45
CA GLU A 147 7.06 -4.15 24.76
C GLU A 147 5.95 -4.58 25.70
N GLU A 148 6.30 -4.93 26.95
CA GLU A 148 5.28 -5.33 27.90
C GLU A 148 4.33 -4.18 28.22
N GLU A 149 4.88 -2.99 28.46
CA GLU A 149 4.03 -1.84 28.76
C GLU A 149 3.16 -1.49 27.55
N LEU A 150 3.73 -1.50 26.36
CA LEU A 150 2.93 -1.18 25.17
C LEU A 150 1.79 -2.18 25.00
N HIS A 151 2.07 -3.47 25.22
CA HIS A 151 1.05 -4.51 25.10
C HIS A 151 -0.11 -4.29 26.06
N LYS A 152 0.20 -4.06 27.34
CA LYS A 152 -0.85 -3.90 28.34
C LYS A 152 -1.70 -2.65 28.07
N ILE A 153 -1.05 -1.57 27.64
CA ILE A 153 -1.77 -0.34 27.33
C ILE A 153 -2.73 -0.56 26.17
N LEU A 154 -2.25 -1.22 25.11
CA LEU A 154 -3.12 -1.44 23.96
C LEU A 154 -4.26 -2.39 24.33
N LEU A 155 -3.95 -3.45 25.06
CA LEU A 155 -4.99 -4.35 25.55
C LEU A 155 -6.06 -3.58 26.30
N LYS A 156 -5.64 -2.73 27.24
CA LYS A 156 -6.59 -2.08 28.13
C LYS A 156 -7.43 -1.05 27.38
N GLU A 157 -6.83 -0.37 26.40
CA GLU A 157 -7.45 0.76 25.74
C GLU A 157 -8.11 0.43 24.40
N LEU A 158 -7.70 -0.66 23.73
CA LEU A 158 -8.24 -0.96 22.41
C LEU A 158 -9.18 -2.15 22.37
N VAL A 159 -9.32 -2.89 23.47
CA VAL A 159 -10.14 -4.10 23.50
C VAL A 159 -11.35 -3.81 24.38
N THR A 160 -12.54 -3.91 23.79
CA THR A 160 -13.77 -3.56 24.48
C THR A 160 -14.59 -4.81 24.84
N SER B 8 -17.37 -4.22 -13.36
CA SER B 8 -17.56 -3.72 -11.99
C SER B 8 -16.85 -2.39 -11.77
N ARG B 9 -16.26 -1.85 -12.84
CA ARG B 9 -15.57 -0.58 -12.79
C ARG B 9 -16.30 0.42 -13.69
N ILE B 10 -16.51 1.64 -13.19
CA ILE B 10 -17.09 2.72 -13.98
C ILE B 10 -16.00 3.28 -14.87
N GLU B 11 -16.39 4.08 -15.87
CA GLU B 11 -15.39 4.75 -16.71
C GLU B 11 -14.43 5.58 -15.87
N ARG B 12 -14.95 6.36 -14.92
CA ARG B 12 -14.07 7.16 -14.07
C ARG B 12 -13.05 6.29 -13.35
N GLU B 13 -13.49 5.14 -12.84
CA GLU B 13 -12.58 4.25 -12.12
C GLU B 13 -11.54 3.66 -13.06
N GLN B 14 -11.92 3.35 -14.30
CA GLN B 14 -10.94 2.79 -15.23
C GLN B 14 -9.89 3.81 -15.62
N HIS B 15 -10.29 5.06 -15.88
CA HIS B 15 -9.32 6.09 -16.19
C HIS B 15 -8.38 6.32 -15.01
N HIS B 16 -8.93 6.35 -13.79
CA HIS B 16 -8.09 6.53 -12.60
C HIS B 16 -7.15 5.36 -12.41
N LEU B 17 -7.64 4.15 -12.65
CA LEU B 17 -6.78 2.96 -12.52
C LEU B 17 -5.59 3.09 -13.44
N ILE B 18 -5.85 3.42 -14.70
CA ILE B 18 -4.83 3.57 -15.73
C ILE B 18 -3.80 4.62 -15.32
N GLU B 19 -4.28 5.79 -14.89
CA GLU B 19 -3.38 6.84 -14.45
C GLU B 19 -2.52 6.39 -13.28
N SER B 20 -3.13 5.65 -12.34
CA SER B 20 -2.39 5.18 -11.17
C SER B 20 -1.28 4.21 -11.55
N ILE B 21 -1.56 3.29 -12.49
CA ILE B 21 -0.52 2.39 -12.96
C ILE B 21 0.56 3.17 -13.70
N GLU B 22 0.16 4.12 -14.55
CA GLU B 22 1.15 4.85 -15.33
C GLU B 22 2.10 5.63 -14.42
N LYS B 23 1.57 6.36 -13.44
CA LYS B 23 2.42 7.18 -12.59
C LYS B 23 3.29 6.30 -11.69
N SER B 24 2.73 5.24 -11.13
CA SER B 24 3.55 4.41 -10.26
C SER B 24 4.63 3.67 -11.04
N THR B 25 4.32 3.14 -12.23
CA THR B 25 5.36 2.42 -12.95
C THR B 25 6.40 3.38 -13.52
N GLN B 26 6.03 4.62 -13.84
CA GLN B 26 7.03 5.57 -14.31
C GLN B 26 8.02 5.90 -13.21
N TYR B 27 7.50 6.17 -12.00
CA TYR B 27 8.37 6.43 -10.85
C TYR B 27 9.32 5.26 -10.61
N MET B 28 8.79 4.05 -10.72
CA MET B 28 9.51 2.85 -10.37
C MET B 28 10.54 2.49 -11.45
N ALA B 29 10.20 2.77 -12.72
CA ALA B 29 11.14 2.53 -13.81
C ALA B 29 12.34 3.45 -13.71
N LYS B 30 12.11 4.73 -13.40
CA LYS B 30 13.21 5.68 -13.20
C LYS B 30 14.23 5.15 -12.20
N ARG B 31 13.77 4.48 -11.15
CA ARG B 31 14.62 4.04 -10.06
C ARG B 31 14.98 2.56 -10.15
N ARG B 32 14.65 1.89 -11.25
CA ARG B 32 14.96 0.48 -11.45
C ARG B 32 14.44 -0.37 -10.29
N ILE B 33 13.20 -0.09 -9.90
CA ILE B 33 12.51 -0.85 -8.88
C ILE B 33 11.64 -1.89 -9.58
N GLY B 34 11.86 -3.16 -9.27
CA GLY B 34 11.05 -4.20 -9.87
C GLY B 34 9.63 -4.18 -9.35
N ALA B 35 8.66 -4.40 -10.25
CA ALA B 35 7.25 -4.33 -9.88
C ALA B 35 6.44 -5.28 -10.75
N LEU B 36 5.29 -5.69 -10.22
CA LEU B 36 4.46 -6.72 -10.84
C LEU B 36 3.02 -6.47 -10.45
N ILE B 37 2.21 -5.98 -11.38
CA ILE B 37 0.84 -5.56 -11.12
C ILE B 37 -0.08 -6.30 -12.09
N SER B 38 -0.98 -7.13 -11.56
CA SER B 38 -1.89 -7.94 -12.38
C SER B 38 -3.31 -7.43 -12.20
N VAL B 39 -3.96 -7.02 -13.30
CA VAL B 39 -5.29 -6.42 -13.24
C VAL B 39 -6.32 -7.43 -13.72
N ALA B 40 -7.25 -7.81 -12.85
CA ALA B 40 -8.24 -8.81 -13.23
C ALA B 40 -9.27 -8.22 -14.17
N ARG B 41 -9.76 -9.06 -15.09
CA ARG B 41 -10.87 -8.67 -15.95
C ARG B 41 -12.01 -9.66 -15.74
N ASP B 42 -12.64 -10.16 -16.81
CA ASP B 42 -13.87 -10.91 -16.60
C ASP B 42 -13.61 -12.32 -16.07
N THR B 43 -12.43 -12.88 -16.32
CA THR B 43 -12.19 -14.28 -15.95
C THR B 43 -12.14 -14.45 -14.43
N GLY B 44 -11.44 -13.56 -13.73
CA GLY B 44 -11.21 -13.75 -12.31
C GLY B 44 -10.10 -14.74 -12.05
N MET B 45 -9.25 -14.44 -11.06
CA MET B 45 -8.01 -15.19 -10.88
C MET B 45 -7.90 -15.80 -9.48
N ASP B 46 -9.01 -15.90 -8.75
CA ASP B 46 -8.98 -16.48 -7.41
C ASP B 46 -8.40 -17.89 -7.43
N ASP B 47 -8.84 -18.72 -8.39
CA ASP B 47 -8.42 -20.10 -8.51
C ASP B 47 -7.05 -20.27 -9.15
N TYR B 48 -6.28 -19.18 -9.32
CA TYR B 48 -5.02 -19.25 -10.04
C TYR B 48 -3.87 -18.52 -9.35
N ILE B 49 -4.13 -17.83 -8.25
CA ILE B 49 -3.11 -17.08 -7.54
C ILE B 49 -3.08 -17.50 -6.07
N GLU B 50 -1.89 -17.41 -5.47
CA GLU B 50 -1.68 -17.70 -4.06
C GLU B 50 -1.62 -16.35 -3.34
N THR B 51 -2.67 -16.05 -2.57
CA THR B 51 -2.80 -14.70 -2.03
C THR B 51 -1.69 -14.39 -1.02
N GLY B 52 -0.98 -13.29 -1.25
CA GLY B 52 0.00 -12.82 -0.32
C GLY B 52 -0.64 -12.16 0.88
N ILE B 53 -0.57 -10.84 0.95
CA ILE B 53 -1.08 -10.05 2.06
C ILE B 53 -2.35 -9.35 1.57
N PRO B 54 -3.51 -9.63 2.17
CA PRO B 54 -4.73 -8.94 1.75
C PRO B 54 -4.69 -7.48 2.14
N LEU B 55 -5.14 -6.62 1.22
CA LEU B 55 -5.13 -5.18 1.45
C LEU B 55 -6.52 -4.58 1.24
N ASN B 56 -7.18 -4.95 0.15
CA ASN B 56 -8.49 -4.43 -0.23
C ASN B 56 -8.52 -2.91 -0.13
N ALA B 57 -7.53 -2.28 -0.76
CA ALA B 57 -7.25 -0.87 -0.53
C ALA B 57 -7.67 -0.04 -1.72
N LYS B 58 -7.90 1.24 -1.47
CA LYS B 58 -8.20 2.14 -2.57
C LYS B 58 -7.00 2.21 -3.51
N ILE B 59 -7.27 2.29 -4.81
CA ILE B 59 -6.20 2.34 -5.80
C ILE B 59 -5.59 3.74 -5.80
N SER B 60 -4.28 3.83 -5.68
CA SER B 60 -3.59 5.10 -5.88
C SER B 60 -2.16 4.82 -6.33
N SER B 61 -1.58 5.80 -7.05
CA SER B 61 -0.17 5.68 -7.42
C SER B 61 0.74 5.67 -6.20
N GLN B 62 0.37 6.44 -5.16
CA GLN B 62 1.17 6.50 -3.93
C GLN B 62 1.24 5.14 -3.25
N LEU B 63 0.11 4.45 -3.10
CA LEU B 63 0.14 3.14 -2.47
C LEU B 63 0.88 2.12 -3.33
N LEU B 64 0.67 2.16 -4.65
CA LEU B 64 1.41 1.24 -5.51
C LEU B 64 2.92 1.45 -5.36
N ILE B 65 3.38 2.70 -5.29
CA ILE B 65 4.79 2.98 -5.13
C ILE B 65 5.30 2.44 -3.79
N ASN B 66 4.56 2.73 -2.71
CA ASN B 66 5.00 2.28 -1.40
C ASN B 66 5.02 0.76 -1.28
N ILE B 67 4.23 0.05 -2.09
CA ILE B 67 4.21 -1.41 -1.98
C ILE B 67 5.53 -2.01 -2.47
N PHE B 68 6.08 -1.50 -3.57
CA PHE B 68 7.18 -2.19 -4.24
C PHE B 68 8.57 -1.78 -3.77
N ILE B 69 8.67 -0.96 -2.72
CA ILE B 69 10.01 -0.53 -2.28
C ILE B 69 10.85 -1.76 -1.97
N PRO B 70 12.07 -1.87 -2.47
CA PRO B 70 12.83 -3.11 -2.31
C PRO B 70 13.13 -3.37 -0.84
N ASN B 71 13.14 -4.66 -0.48
CA ASN B 71 13.47 -5.13 0.86
C ASN B 71 12.40 -4.81 1.90
N THR B 72 11.17 -4.57 1.48
CA THR B 72 10.04 -4.34 2.38
C THR B 72 9.16 -5.58 2.46
N PRO B 73 8.26 -5.66 3.43
CA PRO B 73 7.40 -6.85 3.52
C PRO B 73 6.47 -7.05 2.32
N LEU B 74 5.98 -5.98 1.69
CA LEU B 74 5.00 -6.13 0.61
C LEU B 74 5.62 -6.24 -0.77
N HIS B 75 6.92 -6.02 -0.93
CA HIS B 75 7.49 -5.99 -2.27
C HIS B 75 7.62 -7.37 -2.93
N ASP B 76 7.55 -8.47 -2.16
CA ASP B 76 7.91 -9.80 -2.68
C ASP B 76 6.71 -10.46 -3.35
N GLY B 77 6.50 -10.11 -4.61
CA GLY B 77 5.46 -10.75 -5.38
C GLY B 77 4.60 -9.76 -6.15
N ALA B 78 3.37 -10.15 -6.44
CA ALA B 78 2.51 -9.39 -7.33
C ALA B 78 1.45 -8.64 -6.56
N VAL B 79 1.11 -7.45 -7.04
CA VAL B 79 -0.11 -6.75 -6.62
C VAL B 79 -1.26 -7.24 -7.50
N ILE B 80 -2.38 -7.58 -6.87
CA ILE B 80 -3.56 -8.03 -7.60
C ILE B 80 -4.61 -6.94 -7.48
N ILE B 81 -5.09 -6.45 -8.61
CA ILE B 81 -6.12 -5.41 -8.65
C ILE B 81 -7.41 -6.05 -9.15
N LYS B 82 -8.45 -5.97 -8.34
CA LYS B 82 -9.75 -6.60 -8.61
C LYS B 82 -10.81 -5.51 -8.51
N GLY B 83 -11.45 -5.20 -9.62
CA GLY B 83 -12.42 -4.11 -9.61
C GLY B 83 -11.71 -2.81 -9.32
N ASN B 84 -12.25 -2.03 -8.39
CA ASN B 84 -11.60 -0.77 -8.03
C ASN B 84 -10.85 -0.88 -6.71
N GLU B 85 -10.22 -2.03 -6.43
CA GLU B 85 -9.45 -2.20 -5.20
C GLU B 85 -8.11 -2.87 -5.50
N ILE B 86 -7.08 -2.45 -4.78
CA ILE B 86 -5.85 -3.22 -4.66
C ILE B 86 -6.18 -4.36 -3.70
N ALA B 87 -6.39 -5.56 -4.24
CA ALA B 87 -6.89 -6.68 -3.45
C ALA B 87 -5.81 -7.23 -2.53
N SER B 88 -4.58 -7.35 -3.03
CA SER B 88 -3.50 -7.94 -2.27
C SER B 88 -2.16 -7.51 -2.85
N ALA B 89 -1.12 -7.68 -2.06
CA ALA B 89 0.26 -7.52 -2.49
C ALA B 89 1.02 -8.77 -2.07
N ALA B 90 2.23 -8.93 -2.60
CA ALA B 90 3.10 -10.07 -2.29
C ALA B 90 2.43 -11.39 -2.64
N SER B 91 1.58 -11.37 -3.66
CA SER B 91 0.87 -12.56 -4.13
C SER B 91 1.69 -13.26 -5.21
N TYR B 92 1.58 -14.58 -5.26
CA TYR B 92 2.35 -15.36 -6.22
C TYR B 92 1.46 -15.82 -7.36
N LEU B 93 1.98 -15.72 -8.58
CA LEU B 93 1.35 -16.10 -9.83
C LEU B 93 1.96 -17.40 -10.35
N PRO B 94 1.26 -18.11 -11.23
CA PRO B 94 1.87 -19.28 -11.88
C PRO B 94 2.99 -18.85 -12.82
N LEU B 95 4.03 -19.67 -12.89
CA LEU B 95 5.19 -19.36 -13.71
C LEU B 95 5.01 -20.05 -15.05
N SER B 96 5.17 -19.29 -16.13
CA SER B 96 5.02 -19.90 -17.44
C SER B 96 6.25 -20.75 -17.74
N ASP B 97 6.03 -21.85 -18.48
CA ASP B 97 7.11 -22.72 -18.92
C ASP B 97 7.65 -22.36 -20.30
N SER B 98 7.33 -21.17 -20.80
CA SER B 98 7.60 -20.86 -22.20
C SER B 98 9.10 -20.80 -22.47
N PRO B 99 9.59 -21.49 -23.50
CA PRO B 99 11.01 -21.37 -23.86
C PRO B 99 11.34 -20.14 -24.67
N PHE B 100 10.34 -19.35 -25.05
CA PHE B 100 10.51 -18.18 -25.88
C PHE B 100 10.71 -16.91 -25.08
N LEU B 101 10.32 -16.92 -23.81
CA LEU B 101 10.59 -15.79 -22.93
C LEU B 101 12.10 -15.57 -22.86
N SER B 102 12.56 -14.38 -23.25
CA SER B 102 13.99 -14.08 -23.26
C SER B 102 14.64 -14.47 -21.94
N LYS B 103 15.83 -15.06 -22.03
CA LYS B 103 16.50 -15.57 -20.83
C LYS B 103 16.91 -14.44 -19.90
N GLU B 104 17.15 -13.24 -20.44
CA GLU B 104 17.58 -12.10 -19.64
C GLU B 104 16.45 -11.44 -18.86
N LEU B 105 15.26 -12.03 -18.84
CA LEU B 105 14.13 -11.47 -18.12
C LEU B 105 13.93 -12.20 -16.79
N GLY B 106 13.43 -11.45 -15.80
CA GLY B 106 13.33 -11.97 -14.46
C GLY B 106 12.15 -12.91 -14.24
N THR B 107 12.12 -13.45 -13.03
CA THR B 107 10.98 -14.24 -12.58
C THR B 107 9.68 -13.45 -12.60
N ARG B 108 9.74 -12.12 -12.44
CA ARG B 108 8.52 -11.31 -12.55
C ARG B 108 7.87 -11.48 -13.93
N HIS B 109 8.68 -11.42 -14.99
CA HIS B 109 8.15 -11.59 -16.33
C HIS B 109 7.56 -12.98 -16.54
N ARG B 110 8.18 -14.02 -15.95
CA ARG B 110 7.67 -15.38 -16.10
C ARG B 110 6.33 -15.53 -15.39
N ALA B 111 6.22 -14.91 -14.22
CA ALA B 111 4.95 -14.93 -13.50
C ALA B 111 3.89 -14.15 -14.25
N ALA B 112 4.26 -12.98 -14.78
CA ALA B 112 3.31 -12.20 -15.58
C ALA B 112 2.83 -13.00 -16.77
N LEU B 113 3.76 -13.67 -17.46
CA LEU B 113 3.37 -14.51 -18.59
C LEU B 113 2.48 -15.66 -18.13
N GLY B 114 2.85 -16.30 -17.01
CA GLY B 114 2.08 -17.43 -16.52
C GLY B 114 0.65 -17.08 -16.17
N ILE B 115 0.42 -15.94 -15.52
CA ILE B 115 -0.96 -15.60 -15.18
C ILE B 115 -1.73 -15.27 -16.44
N SER B 116 -1.05 -14.72 -17.45
CA SER B 116 -1.73 -14.34 -18.69
C SER B 116 -2.18 -15.56 -19.47
N GLU B 117 -1.54 -16.71 -19.29
CA GLU B 117 -1.88 -17.89 -20.05
C GLU B 117 -3.16 -18.56 -19.57
N VAL B 118 -3.65 -18.18 -18.39
CA VAL B 118 -4.74 -18.90 -17.74
C VAL B 118 -5.84 -17.96 -17.28
N THR B 119 -5.72 -16.66 -17.59
CA THR B 119 -6.74 -15.65 -17.29
C THR B 119 -6.73 -14.64 -18.41
N ASP B 120 -7.76 -13.77 -18.44
CA ASP B 120 -7.75 -12.64 -19.36
C ASP B 120 -7.21 -11.37 -18.70
N SER B 121 -6.43 -11.52 -17.64
N SER B 121 -6.43 -11.52 -17.64
CA SER B 121 -5.88 -10.38 -16.94
CA SER B 121 -5.92 -10.35 -16.94
C SER B 121 -4.88 -9.63 -17.81
C SER B 121 -4.87 -9.64 -17.80
N ILE B 122 -4.65 -8.37 -17.46
CA ILE B 122 -3.60 -7.56 -18.06
C ILE B 122 -2.56 -7.32 -16.95
N THR B 123 -1.31 -7.67 -17.20
CA THR B 123 -0.27 -7.57 -16.19
C THR B 123 0.85 -6.67 -16.69
N ILE B 124 1.34 -5.83 -15.78
CA ILE B 124 2.38 -4.83 -16.05
C ILE B 124 3.59 -5.19 -15.22
N VAL B 125 4.77 -5.15 -15.84
CA VAL B 125 6.03 -5.51 -15.19
C VAL B 125 7.01 -4.37 -15.37
N VAL B 126 7.67 -3.97 -14.28
CA VAL B 126 8.85 -3.13 -14.35
C VAL B 126 10.07 -3.99 -14.04
N SER B 127 11.07 -3.96 -14.90
CA SER B 127 12.29 -4.74 -14.72
C SER B 127 13.20 -4.04 -13.73
N GLU B 128 13.64 -4.78 -12.70
CA GLU B 128 14.61 -4.22 -11.77
C GLU B 128 16.02 -4.14 -12.36
N GLU B 129 16.26 -4.75 -13.52
CA GLU B 129 17.59 -4.72 -14.12
C GLU B 129 17.76 -3.56 -15.09
N THR B 130 16.73 -3.27 -15.91
CA THR B 130 16.80 -2.19 -16.89
C THR B 130 15.82 -1.05 -16.66
N GLY B 131 14.79 -1.24 -15.85
CA GLY B 131 13.72 -0.27 -15.75
C GLY B 131 12.69 -0.36 -16.87
N GLY B 132 12.81 -1.33 -17.77
CA GLY B 132 11.86 -1.47 -18.85
C GLY B 132 10.50 -1.93 -18.36
N ILE B 133 9.46 -1.38 -18.97
CA ILE B 133 8.08 -1.74 -18.66
C ILE B 133 7.59 -2.75 -19.71
N SER B 134 6.98 -3.83 -19.25
CA SER B 134 6.46 -4.86 -20.15
C SER B 134 5.02 -5.15 -19.77
N LEU B 135 4.30 -5.73 -20.73
CA LEU B 135 2.91 -6.12 -20.55
C LEU B 135 2.74 -7.57 -20.98
N THR B 136 1.87 -8.28 -20.28
CA THR B 136 1.45 -9.61 -20.73
C THR B 136 -0.05 -9.67 -20.87
N LYS B 137 -0.50 -10.42 -21.88
CA LYS B 137 -1.91 -10.61 -22.15
C LYS B 137 -2.04 -11.82 -23.07
N GLY B 138 -2.91 -12.74 -22.71
CA GLY B 138 -3.22 -13.82 -23.63
C GLY B 138 -2.05 -14.74 -23.92
N GLY B 139 -1.20 -14.96 -22.93
CA GLY B 139 -0.06 -15.84 -23.12
C GLY B 139 1.07 -15.23 -23.88
N GLU B 140 1.08 -13.90 -24.06
CA GLU B 140 2.13 -13.27 -24.84
C GLU B 140 2.66 -12.06 -24.08
N LEU B 141 3.86 -11.63 -24.46
CA LEU B 141 4.52 -10.52 -23.75
C LEU B 141 4.88 -9.45 -24.76
N PHE B 142 4.63 -8.20 -24.37
CA PHE B 142 5.05 -7.02 -25.12
C PHE B 142 6.12 -6.32 -24.29
N ARG B 143 7.36 -6.34 -24.77
CA ARG B 143 8.53 -6.02 -23.96
C ARG B 143 9.00 -4.58 -24.20
N ASP B 144 9.38 -3.90 -23.09
CA ASP B 144 10.02 -2.59 -23.14
C ASP B 144 9.14 -1.56 -23.88
N VAL B 145 7.96 -1.31 -23.30
CA VAL B 145 6.98 -0.46 -23.97
C VAL B 145 7.32 1.00 -23.67
N SER B 146 6.93 1.88 -24.58
CA SER B 146 7.07 3.31 -24.33
C SER B 146 5.85 3.83 -23.55
N GLU B 147 5.95 5.08 -23.08
CA GLU B 147 4.84 5.67 -22.34
C GLU B 147 3.59 5.78 -23.21
N GLU B 148 3.75 6.14 -24.48
CA GLU B 148 2.60 6.17 -25.38
C GLU B 148 2.04 4.77 -25.58
N GLU B 149 2.92 3.79 -25.85
CA GLU B 149 2.46 2.42 -26.06
C GLU B 149 1.76 1.89 -24.81
N LEU B 150 2.33 2.14 -23.63
CA LEU B 150 1.69 1.69 -22.40
C LEU B 150 0.30 2.29 -22.26
N HIS B 151 0.19 3.61 -22.47
CA HIS B 151 -1.09 4.28 -22.31
C HIS B 151 -2.12 3.73 -23.29
N LYS B 152 -1.73 3.60 -24.56
CA LYS B 152 -2.64 3.11 -25.60
C LYS B 152 -3.16 1.71 -25.29
N ILE B 153 -2.28 0.79 -24.87
CA ILE B 153 -2.70 -0.57 -24.53
C ILE B 153 -3.59 -0.58 -23.29
N LEU B 154 -3.18 0.13 -22.24
CA LEU B 154 -4.00 0.16 -21.04
C LEU B 154 -5.37 0.74 -21.34
N LEU B 155 -5.41 1.79 -22.15
CA LEU B 155 -6.70 2.37 -22.53
C LEU B 155 -7.56 1.35 -23.26
N LYS B 156 -6.99 0.70 -24.28
CA LYS B 156 -7.74 -0.27 -25.06
C LYS B 156 -8.23 -1.42 -24.20
N GLU B 157 -7.36 -1.94 -23.33
CA GLU B 157 -7.73 -3.17 -22.65
C GLU B 157 -8.51 -2.96 -21.36
N LEU B 158 -8.45 -1.75 -20.75
CA LEU B 158 -9.07 -1.54 -19.46
C LEU B 158 -10.23 -0.55 -19.47
N VAL B 159 -10.50 0.13 -20.60
CA VAL B 159 -11.65 1.03 -20.73
C VAL B 159 -12.63 0.42 -21.73
N THR B 160 -13.87 0.16 -21.26
CA THR B 160 -14.80 -0.66 -22.03
C THR B 160 -15.26 0.04 -23.31
N VAL B 161 -15.65 1.31 -23.20
CA VAL B 161 -16.24 2.05 -24.32
C VAL B 161 -15.30 2.19 -25.51
N THR B 162 -14.03 1.83 -25.36
CA THR B 162 -13.08 1.83 -26.48
C THR B 162 -13.36 0.73 -27.50
N ALA B 163 -14.41 -0.07 -27.30
CA ALA B 163 -14.75 -1.16 -28.21
C ALA B 163 -16.00 -0.90 -29.03
N LYS B 164 -16.78 0.14 -28.69
CA LYS B 164 -18.00 0.44 -29.43
C LYS B 164 -17.70 0.87 -30.86
N LYS B 165 -16.50 1.40 -31.09
CA LYS B 165 -16.07 1.77 -32.43
C LYS B 165 -15.82 0.52 -33.27
N PRO B 166 -15.86 0.64 -34.60
CA PRO B 166 -15.55 -0.51 -35.46
C PRO B 166 -14.17 -1.07 -35.14
N SER B 167 -14.05 -2.39 -35.25
CA SER B 167 -12.82 -3.08 -34.85
C SER B 167 -11.64 -2.77 -35.77
N ILE B 168 -11.89 -2.18 -36.95
CA ILE B 168 -10.80 -1.86 -37.86
C ILE B 168 -10.01 -0.65 -37.35
N PHE B 169 -10.67 0.30 -36.69
CA PHE B 169 -9.99 1.49 -36.16
C PHE B 169 -9.56 1.34 -34.71
N SER B 170 -10.13 0.40 -33.97
CA SER B 170 -9.66 0.10 -32.61
C SER B 170 -8.41 -0.74 -32.61
N LYS B 171 -7.65 -0.73 -33.70
CA LYS B 171 -6.70 -1.80 -33.98
C LYS B 171 -5.32 -1.16 -34.02
N TRP B 172 -4.34 -1.80 -33.38
CA TRP B 172 -3.02 -1.22 -33.16
C TRP B 172 -2.38 -0.73 -34.46
N LYS B 173 -1.44 0.20 -34.36
CA LYS B 173 -0.74 0.78 -35.52
C LYS B 173 -0.28 -0.29 -36.51
#